data_2WWI
#
_entry.id   2WWI
#
_cell.length_a   110.337
_cell.length_b   110.337
_cell.length_c   119.109
_cell.angle_alpha   90.00
_cell.angle_beta   90.00
_cell.angle_gamma   120.00
#
_symmetry.space_group_name_H-M   'P 31 2 1'
#
loop_
_entity.id
_entity.type
_entity.pdbx_description
1 polymer 'THYMIDILATE KINASE, PUTATIVE'
2 non-polymer "3'-AZIDO-3'-DEOXYTHYMIDINE-5'-MONOPHOSPHATE"
3 non-polymer "ADENOSINE-5'-DIPHOSPHATE"
4 water water
#
_entity_poly.entity_id   1
_entity_poly.type   'polypeptide(L)'
_entity_poly.pdbx_seq_one_letter_code
;SHMTDDKKKGKFIVFEGLDRSGKSTQSKLLVEYLKNNNVEVKHLYFPNRETGIGQIISKYLKMENSMSNETIHLLFSANR
WEHMNEIKSLLLKGIWVVCDRYAYSGVAYSSGALNLNKTWCMNPDQGLIKPDVVFYLNVPPNYAQNRSDYGEEIYEKVET
QKKIYETYKHFAHEDYWINIDATRKIEDIHNDIVKEVTKIKVEPEEFNFLWS
;
_entity_poly.pdbx_strand_id   A,B,C
#
# COMPACT_ATOMS: atom_id res chain seq x y z
N ASP A 5 13.43 46.07 -24.34
CA ASP A 5 12.38 45.09 -23.92
C ASP A 5 12.78 44.38 -22.62
N ASP A 6 12.01 44.57 -21.55
CA ASP A 6 12.33 43.98 -20.24
C ASP A 6 11.30 43.06 -19.57
N LYS A 7 10.25 42.68 -20.28
CA LYS A 7 9.18 41.85 -19.74
C LYS A 7 9.77 40.52 -19.21
N LYS A 8 9.02 39.84 -18.35
CA LYS A 8 9.49 38.68 -17.60
C LYS A 8 9.06 37.39 -18.31
N LYS A 9 10.02 36.63 -18.81
CA LYS A 9 9.74 35.55 -19.75
C LYS A 9 9.79 34.19 -19.08
N GLY A 10 10.78 33.96 -18.24
CA GLY A 10 10.79 32.75 -17.45
C GLY A 10 9.64 32.71 -16.46
N LYS A 11 9.56 31.59 -15.74
CA LYS A 11 8.56 31.34 -14.71
C LYS A 11 9.27 31.13 -13.36
N PHE A 12 8.71 31.68 -12.28
CA PHE A 12 9.35 31.61 -10.97
C PHE A 12 8.47 30.79 -10.00
N ILE A 13 8.97 29.66 -9.55
CA ILE A 13 8.17 28.82 -8.69
C ILE A 13 8.92 28.59 -7.42
N VAL A 14 8.19 28.68 -6.31
CA VAL A 14 8.76 28.55 -4.97
C VAL A 14 8.16 27.34 -4.29
N PHE A 15 8.98 26.55 -3.63
CA PHE A 15 8.47 25.54 -2.72
C PHE A 15 8.59 26.08 -1.30
N GLU A 16 7.58 25.82 -0.48
CA GLU A 16 7.58 26.18 0.93
C GLU A 16 7.23 24.96 1.77
N GLY A 17 7.52 25.00 3.08
CA GLY A 17 7.20 23.86 3.93
C GLY A 17 7.99 23.69 5.22
N LEU A 18 7.50 22.79 6.06
CA LEU A 18 8.18 22.51 7.31
C LEU A 18 9.48 21.85 7.00
N ASP A 19 10.30 21.70 8.02
CA ASP A 19 11.62 21.20 7.81
C ASP A 19 11.49 19.76 7.42
N ARG A 20 12.47 19.26 6.68
CA ARG A 20 12.46 17.86 6.28
C ARG A 20 11.12 17.43 5.61
N SER A 21 10.43 18.36 4.95
CA SER A 21 9.21 17.99 4.23
C SER A 21 9.37 17.70 2.72
N GLY A 22 10.59 17.47 2.25
CA GLY A 22 10.78 17.08 0.85
C GLY A 22 10.86 18.22 -0.14
N LYS A 23 11.05 19.46 0.35
CA LYS A 23 11.31 20.61 -0.52
C LYS A 23 12.43 20.33 -1.55
N SER A 24 13.59 19.88 -1.10
CA SER A 24 14.68 19.57 -2.02
C SER A 24 14.24 18.53 -3.05
N THR A 25 13.96 17.32 -2.57
CA THR A 25 13.45 16.22 -3.39
C THR A 25 12.50 16.67 -4.51
N GLN A 26 11.54 17.51 -4.16
CA GLN A 26 10.53 17.95 -5.10
C GLN A 26 11.02 19.06 -6.01
N SER A 27 11.79 20.00 -5.45
CA SER A 27 12.46 20.93 -6.33
C SER A 27 13.40 20.19 -7.31
N LYS A 28 14.21 19.25 -6.86
CA LYS A 28 15.06 18.50 -7.86
C LYS A 28 14.20 17.86 -8.97
N LEU A 29 13.10 17.22 -8.57
CA LEU A 29 12.24 16.51 -9.50
C LEU A 29 11.59 17.46 -10.49
N LEU A 30 10.98 18.53 -9.99
CA LEU A 30 10.47 19.56 -10.85
C LEU A 30 11.55 20.07 -11.81
N VAL A 31 12.74 20.35 -11.29
CA VAL A 31 13.83 20.77 -12.17
C VAL A 31 14.08 19.73 -13.26
N GLU A 32 14.38 18.48 -12.87
CA GLU A 32 14.69 17.47 -13.90
C GLU A 32 13.52 17.29 -14.89
N TYR A 33 12.30 17.42 -14.40
CA TYR A 33 11.15 17.30 -15.26
C TYR A 33 11.14 18.36 -16.35
N LEU A 34 11.42 19.60 -15.94
CA LEU A 34 11.45 20.73 -16.80
C LEU A 34 12.61 20.64 -17.77
N LYS A 35 13.73 20.12 -17.28
CA LYS A 35 14.92 19.93 -18.13
C LYS A 35 14.51 18.99 -19.26
N ASN A 36 13.60 18.08 -18.94
CA ASN A 36 13.20 17.04 -19.83
C ASN A 36 12.29 17.55 -20.90
N ASN A 37 11.64 18.67 -20.66
CA ASN A 37 10.68 19.12 -21.62
C ASN A 37 11.21 20.36 -22.23
N ASN A 38 12.52 20.48 -22.15
CA ASN A 38 13.28 21.50 -22.86
C ASN A 38 12.97 22.93 -22.40
N VAL A 39 13.08 23.16 -21.10
CA VAL A 39 12.81 24.45 -20.47
C VAL A 39 14.03 24.77 -19.61
N GLU A 40 14.85 25.75 -20.00
CA GLU A 40 16.01 26.14 -19.21
C GLU A 40 15.56 26.52 -17.77
N VAL A 41 16.21 25.96 -16.77
CA VAL A 41 15.78 26.23 -15.41
C VAL A 41 17.00 26.31 -14.49
N LYS A 42 16.93 27.20 -13.52
CA LYS A 42 18.00 27.34 -12.55
C LYS A 42 17.41 27.08 -11.17
N HIS A 43 17.99 26.12 -10.46
CA HIS A 43 17.55 25.80 -9.14
C HIS A 43 18.27 26.75 -8.15
N LEU A 44 17.50 27.47 -7.34
CA LEU A 44 18.08 28.16 -6.18
C LEU A 44 17.35 27.74 -4.94
N TYR A 45 17.83 28.18 -3.79
CA TYR A 45 17.24 27.84 -2.48
C TYR A 45 17.55 29.00 -1.55
N PHE A 46 16.83 29.11 -0.44
CA PHE A 46 17.14 30.09 0.57
C PHE A 46 17.02 29.43 1.92
N PRO A 47 17.90 29.81 2.86
CA PRO A 47 18.96 30.82 2.71
C PRO A 47 20.10 30.29 1.87
N ASN A 48 20.73 31.16 1.10
CA ASN A 48 22.01 30.78 0.48
C ASN A 48 23.15 31.01 1.47
N ARG A 49 23.71 29.92 1.97
CA ARG A 49 24.68 29.93 3.06
C ARG A 49 26.12 30.19 2.59
N GLU A 50 26.32 30.43 1.29
CA GLU A 50 27.66 30.65 0.77
C GLU A 50 28.11 32.10 0.81
N THR A 51 27.19 33.06 0.75
CA THR A 51 27.58 34.48 0.76
C THR A 51 28.00 34.91 2.15
N GLY A 52 28.63 36.08 2.23
CA GLY A 52 28.96 36.65 3.54
C GLY A 52 27.81 36.42 4.49
N ILE A 53 26.66 37.00 4.16
CA ILE A 53 25.48 36.97 5.01
C ILE A 53 25.12 35.55 5.35
N GLY A 54 25.05 34.73 4.30
CA GLY A 54 24.72 33.31 4.39
C GLY A 54 25.53 32.65 5.48
N GLN A 55 26.82 32.90 5.45
CA GLN A 55 27.68 32.29 6.41
C GLN A 55 27.21 32.61 7.84
N ILE A 56 26.80 33.85 8.07
CA ILE A 56 26.28 34.20 9.38
C ILE A 56 24.94 33.47 9.61
N ILE A 57 24.07 33.51 8.61
CA ILE A 57 22.79 32.82 8.80
C ILE A 57 23.09 31.37 9.19
N SER A 58 24.15 30.84 8.59
CA SER A 58 24.44 29.42 8.80
C SER A 58 24.81 29.06 10.26
N LYS A 59 25.77 29.79 10.83
CA LYS A 59 26.19 29.52 12.19
C LYS A 59 24.96 29.66 13.08
N TYR A 60 24.12 30.64 12.79
CA TYR A 60 22.90 30.78 13.58
C TYR A 60 22.06 29.49 13.67
N LEU A 61 21.84 28.86 12.52
CA LEU A 61 21.02 27.65 12.44
C LEU A 61 21.70 26.47 13.10
N LYS A 62 23.00 26.37 12.89
CA LYS A 62 23.77 25.32 13.50
C LYS A 62 24.06 25.63 14.97
N MET A 63 23.47 26.70 15.48
CA MET A 63 23.67 27.13 16.88
C MET A 63 25.12 27.36 17.22
N GLU A 64 25.96 27.57 16.21
CA GLU A 64 27.34 27.96 16.40
C GLU A 64 27.42 29.41 16.91
N ASN A 65 26.29 30.12 16.84
CA ASN A 65 26.22 31.45 17.40
C ASN A 65 24.81 31.80 17.85
N SER A 66 24.68 32.92 18.55
CA SER A 66 23.38 33.50 18.67
C SER A 66 23.24 34.96 18.30
N MET A 67 22.03 35.32 17.89
CA MET A 67 21.75 36.72 17.63
C MET A 67 20.32 37.03 17.93
N SER A 68 20.02 38.29 18.17
CA SER A 68 18.65 38.65 18.46
C SER A 68 17.71 38.29 17.33
N ASN A 69 16.47 38.06 17.70
CA ASN A 69 15.40 37.77 16.79
C ASN A 69 15.35 38.67 15.58
N GLU A 70 15.37 39.97 15.84
CA GLU A 70 15.25 40.92 14.75
C GLU A 70 16.48 40.97 13.87
N THR A 71 17.65 40.66 14.41
CA THR A 71 18.84 40.65 13.55
C THR A 71 18.78 39.53 12.50
N ILE A 72 18.48 38.30 12.95
CA ILE A 72 18.51 37.14 12.08
C ILE A 72 17.41 37.27 11.03
N HIS A 73 16.22 37.64 11.49
CA HIS A 73 15.16 37.98 10.57
C HIS A 73 15.72 38.90 9.45
N LEU A 74 16.26 40.05 9.83
CA LEU A 74 16.78 40.98 8.84
C LEU A 74 17.84 40.35 7.94
N LEU A 75 18.72 39.56 8.53
CA LEU A 75 19.74 38.87 7.80
C LEU A 75 19.14 37.96 6.74
N PHE A 76 18.04 37.30 7.06
CA PHE A 76 17.39 36.42 6.11
C PHE A 76 16.88 37.18 4.91
N SER A 77 16.22 38.29 5.17
CA SER A 77 15.66 39.09 4.11
C SER A 77 16.76 39.63 3.19
N ALA A 78 17.72 40.33 3.77
CA ALA A 78 18.94 40.74 3.07
C ALA A 78 19.46 39.69 2.12
N ASN A 79 19.61 38.46 2.60
CA ASN A 79 20.06 37.34 1.81
C ASN A 79 19.25 37.11 0.49
N ARG A 80 17.94 37.31 0.56
CA ARG A 80 17.10 37.18 -0.61
C ARG A 80 17.37 38.34 -1.52
N TRP A 81 17.51 39.52 -0.95
CA TRP A 81 17.75 40.71 -1.77
C TRP A 81 19.06 40.59 -2.56
N GLU A 82 20.07 39.88 -2.04
CA GLU A 82 21.32 39.78 -2.81
C GLU A 82 21.23 38.79 -4.02
N HIS A 83 20.05 38.21 -4.20
CA HIS A 83 19.75 37.34 -5.31
C HIS A 83 18.71 37.88 -6.29
N MET A 84 18.04 38.98 -5.91
CA MET A 84 17.16 39.68 -6.85
C MET A 84 17.83 40.01 -8.15
N ASN A 85 19.12 40.26 -8.20
CA ASN A 85 19.75 40.51 -9.48
C ASN A 85 19.84 39.33 -10.42
N GLU A 86 20.42 38.25 -9.90
CA GLU A 86 20.47 36.97 -10.56
C GLU A 86 19.08 36.58 -11.02
N ILE A 87 18.11 36.66 -10.12
CA ILE A 87 16.79 36.17 -10.46
C ILE A 87 16.11 36.98 -11.56
N LYS A 88 16.12 38.30 -11.42
CA LYS A 88 15.54 39.11 -12.47
C LYS A 88 16.15 38.71 -13.81
N SER A 89 17.47 38.57 -13.84
CA SER A 89 18.22 38.19 -15.01
C SER A 89 17.78 36.89 -15.64
N LEU A 90 17.79 35.82 -14.86
CA LEU A 90 17.35 34.54 -15.38
C LEU A 90 15.97 34.72 -15.95
N LEU A 91 15.09 35.34 -15.17
CA LEU A 91 13.71 35.46 -15.57
C LEU A 91 13.62 36.32 -16.83
N LEU A 92 14.38 37.40 -16.90
CA LEU A 92 14.41 38.21 -18.11
C LEU A 92 14.76 37.38 -19.34
N LYS A 93 15.70 36.47 -19.17
CA LYS A 93 16.23 35.66 -20.24
C LYS A 93 15.29 34.57 -20.69
N GLY A 94 14.33 34.19 -19.83
CA GLY A 94 13.45 33.05 -20.08
C GLY A 94 13.88 31.82 -19.31
N ILE A 95 14.93 31.92 -18.50
CA ILE A 95 15.24 30.82 -17.58
C ILE A 95 14.22 30.74 -16.44
N TRP A 96 13.58 29.60 -16.26
CA TRP A 96 12.63 29.48 -15.18
C TRP A 96 13.45 29.38 -13.96
N VAL A 97 12.91 29.83 -12.84
CA VAL A 97 13.59 29.65 -11.58
C VAL A 97 12.77 28.80 -10.64
N VAL A 98 13.30 27.67 -10.22
CA VAL A 98 12.65 26.88 -9.19
C VAL A 98 13.39 27.15 -7.90
N CYS A 99 12.70 27.66 -6.92
CA CYS A 99 13.36 28.11 -5.74
C CYS A 99 12.87 27.40 -4.52
N ASP A 100 13.76 27.08 -3.60
CA ASP A 100 13.16 26.46 -2.46
C ASP A 100 13.36 27.19 -1.14
N ARG A 101 12.21 27.59 -0.59
CA ARG A 101 12.07 28.67 0.42
C ARG A 101 12.22 30.08 -0.18
N TYR A 102 11.35 30.98 0.26
CA TYR A 102 11.46 32.39 -0.10
C TYR A 102 10.92 33.22 1.08
N ALA A 103 10.34 34.38 0.81
CA ALA A 103 9.94 35.30 1.89
C ALA A 103 8.93 34.66 2.79
N TYR A 104 8.16 33.76 2.22
CA TYR A 104 7.09 33.07 2.94
C TYR A 104 7.75 32.39 4.11
N SER A 105 8.82 31.63 3.86
CA SER A 105 9.64 31.08 4.94
C SER A 105 10.03 32.09 6.03
N GLY A 106 10.36 33.31 5.61
CA GLY A 106 10.83 34.35 6.52
C GLY A 106 9.77 34.70 7.56
N VAL A 107 8.61 35.11 7.04
CA VAL A 107 7.50 35.54 7.85
C VAL A 107 7.09 34.36 8.66
N ALA A 108 6.92 33.23 7.99
CA ALA A 108 6.42 32.08 8.72
C ALA A 108 7.29 31.78 9.93
N TYR A 109 8.60 31.68 9.75
CA TYR A 109 9.50 31.14 10.79
C TYR A 109 9.76 32.12 11.89
N SER A 110 10.04 33.37 11.50
CA SER A 110 10.35 34.40 12.47
C SER A 110 9.11 34.62 13.31
N SER A 111 7.95 34.76 12.67
CA SER A 111 6.75 35.10 13.44
C SER A 111 6.26 33.95 14.31
N GLY A 112 6.54 32.72 13.89
CA GLY A 112 6.13 31.57 14.64
C GLY A 112 7.11 31.13 15.70
N ALA A 113 8.39 31.03 15.34
CA ALA A 113 9.38 30.51 16.26
C ALA A 113 9.96 31.58 17.18
N LEU A 114 9.85 32.84 16.77
CA LEU A 114 10.49 33.94 17.48
C LEU A 114 9.48 35.03 17.79
N ASN A 115 8.22 34.62 17.88
CA ASN A 115 7.13 35.55 18.14
C ASN A 115 7.34 36.93 17.58
N LEU A 116 7.83 37.07 16.36
CA LEU A 116 7.87 38.44 15.81
C LEU A 116 6.52 38.84 15.29
N ASN A 117 6.45 40.02 14.73
CA ASN A 117 5.20 40.68 14.43
C ASN A 117 4.97 40.73 12.94
N LYS A 118 4.02 39.94 12.51
CA LYS A 118 3.88 39.62 11.13
C LYS A 118 4.13 40.75 10.14
N THR A 119 3.58 41.90 10.36
CA THR A 119 3.75 43.05 9.45
C THR A 119 5.22 43.48 9.44
N TRP A 120 5.77 43.64 10.65
CA TRP A 120 7.18 43.91 10.82
C TRP A 120 8.05 42.99 9.96
N CYS A 121 7.76 41.68 10.04
CA CYS A 121 8.45 40.64 9.32
C CYS A 121 8.36 40.67 7.83
N MET A 122 7.20 41.03 7.29
CA MET A 122 6.99 41.10 5.85
C MET A 122 7.71 42.32 5.27
N ASN A 123 7.88 43.34 6.11
CA ASN A 123 8.22 44.67 5.59
C ASN A 123 9.50 44.76 4.78
N PRO A 124 10.56 44.15 5.29
CA PRO A 124 11.82 44.16 4.58
C PRO A 124 11.85 43.33 3.27
N ASP A 125 11.03 42.28 3.16
CA ASP A 125 10.98 41.45 1.96
C ASP A 125 10.04 42.12 0.95
N GLN A 126 9.17 42.99 1.43
CA GLN A 126 8.34 43.73 0.48
C GLN A 126 9.17 44.38 -0.63
N GLY A 127 8.78 44.12 -1.89
CA GLY A 127 9.45 44.66 -3.08
C GLY A 127 10.28 43.60 -3.79
N LEU A 128 10.45 42.43 -3.16
CA LEU A 128 11.08 41.30 -3.81
C LEU A 128 10.16 40.79 -4.93
N ILE A 129 10.77 40.20 -5.97
CA ILE A 129 10.04 39.67 -7.11
C ILE A 129 9.01 38.69 -6.61
N LYS A 130 7.79 38.79 -7.11
CA LYS A 130 6.76 37.81 -6.74
C LYS A 130 6.85 36.55 -7.58
N PRO A 131 6.75 35.39 -6.94
CA PRO A 131 6.82 34.22 -7.78
C PRO A 131 5.48 33.93 -8.40
N ASP A 132 5.49 33.10 -9.45
CA ASP A 132 4.30 32.73 -10.14
C ASP A 132 3.45 31.82 -9.30
N VAL A 133 4.10 30.93 -8.54
CA VAL A 133 3.32 29.99 -7.74
C VAL A 133 4.08 29.46 -6.52
N VAL A 134 3.38 29.23 -5.41
CA VAL A 134 4.04 28.61 -4.28
C VAL A 134 3.45 27.24 -3.99
N PHE A 135 4.32 26.24 -3.94
CA PHE A 135 3.93 24.92 -3.58
C PHE A 135 4.28 24.70 -2.14
N TYR A 136 3.25 24.65 -1.31
CA TYR A 136 3.39 24.39 0.09
C TYR A 136 3.25 22.90 0.33
N LEU A 137 4.38 22.24 0.53
CA LEU A 137 4.40 20.83 0.91
C LEU A 137 3.89 20.70 2.33
N ASN A 138 2.56 20.63 2.47
CA ASN A 138 1.91 20.53 3.76
C ASN A 138 2.18 19.20 4.47
N VAL A 139 2.74 19.23 5.68
CA VAL A 139 2.85 18.04 6.54
C VAL A 139 2.61 18.39 8.02
N PRO A 140 1.96 17.49 8.78
CA PRO A 140 1.83 17.64 10.22
C PRO A 140 3.18 17.81 10.93
N PRO A 141 3.23 18.67 11.98
CA PRO A 141 4.44 19.03 12.69
C PRO A 141 5.23 17.84 13.22
N ASN A 142 4.56 16.75 13.60
CA ASN A 142 5.22 15.56 14.15
C ASN A 142 5.62 14.57 13.10
N TYR A 143 5.13 14.79 11.87
CA TYR A 143 5.30 13.84 10.79
C TYR A 143 6.75 13.64 10.38
N ALA A 144 7.48 14.74 10.25
CA ALA A 144 8.79 14.70 9.63
C ALA A 144 9.87 14.35 10.63
N GLN A 145 9.53 14.36 11.91
CA GLN A 145 10.51 14.06 12.96
C GLN A 145 11.21 12.72 12.74
N ASN A 146 10.58 11.89 11.92
CA ASN A 146 11.13 10.61 11.53
C ASN A 146 12.23 10.71 10.46
N ARG A 147 12.14 11.70 9.56
CA ARG A 147 13.01 11.81 8.37
C ARG A 147 14.51 11.91 8.63
N SER A 148 15.28 11.47 7.66
CA SER A 148 16.73 11.59 7.61
C SER A 148 17.53 12.14 8.80
N ASP A 149 17.69 13.46 8.87
CA ASP A 149 18.62 14.07 9.85
C ASP A 149 18.00 15.06 10.85
N TYR A 150 16.71 14.90 11.11
CA TYR A 150 15.91 15.81 11.95
C TYR A 150 16.58 16.13 13.29
N GLY A 151 16.50 17.41 13.66
CA GLY A 151 16.91 17.89 14.98
C GLY A 151 18.29 18.49 15.01
N GLU A 152 18.99 18.42 13.88
CA GLU A 152 20.37 18.90 13.82
C GLU A 152 20.50 20.45 13.78
N GLU A 153 19.36 21.15 13.66
CA GLU A 153 19.36 22.64 13.58
C GLU A 153 18.30 23.38 14.42
N ILE A 154 18.62 24.61 14.81
CA ILE A 154 17.85 25.39 15.77
C ILE A 154 16.33 25.20 15.79
N TYR A 155 15.68 25.18 14.65
CA TYR A 155 14.22 25.14 14.67
C TYR A 155 13.59 23.74 14.63
N GLU A 156 14.43 22.72 14.71
CA GLU A 156 13.98 21.35 14.48
C GLU A 156 13.58 20.62 15.74
N LYS A 157 12.61 21.22 16.42
CA LYS A 157 12.02 20.68 17.62
C LYS A 157 10.53 20.65 17.35
N VAL A 158 9.92 19.50 17.54
CA VAL A 158 8.50 19.35 17.30
C VAL A 158 7.72 20.57 17.86
N GLU A 159 7.97 20.96 19.11
CA GLU A 159 7.17 22.02 19.75
C GLU A 159 7.24 23.31 18.94
N THR A 160 8.38 23.52 18.28
CA THR A 160 8.64 24.75 17.51
C THR A 160 8.00 24.67 16.13
N GLN A 161 8.16 23.52 15.49
CA GLN A 161 7.54 23.24 14.20
C GLN A 161 6.01 23.33 14.27
N LYS A 162 5.43 22.95 15.42
CA LYS A 162 3.98 23.10 15.66
C LYS A 162 3.61 24.58 15.62
N LYS A 163 4.47 25.38 16.24
CA LYS A 163 4.29 26.82 16.30
C LYS A 163 4.34 27.43 14.89
N ILE A 164 5.27 26.94 14.06
CA ILE A 164 5.48 27.46 12.69
C ILE A 164 4.37 27.10 11.73
N TYR A 165 3.99 25.83 11.78
CA TYR A 165 2.88 25.30 11.02
C TYR A 165 1.64 26.16 11.08
N GLU A 166 1.44 26.82 12.21
CA GLU A 166 0.27 27.64 12.35
C GLU A 166 0.50 28.96 11.66
N THR A 167 1.74 29.39 11.54
CA THR A 167 1.97 30.71 10.97
C THR A 167 1.99 30.65 9.46
N TYR A 168 2.35 29.50 8.92
CA TYR A 168 2.28 29.29 7.46
C TYR A 168 0.88 29.59 6.92
N LYS A 169 -0.13 29.39 7.76
CA LYS A 169 -1.51 29.63 7.39
C LYS A 169 -1.75 31.07 6.95
N HIS A 170 -0.78 31.93 7.24
CA HIS A 170 -0.87 33.36 6.93
C HIS A 170 -0.88 33.64 5.46
N PHE A 171 -0.73 32.58 4.65
CA PHE A 171 -0.74 32.64 3.18
C PHE A 171 -1.63 31.55 2.59
N ALA A 172 -1.93 30.58 3.45
CA ALA A 172 -2.74 29.40 3.17
C ALA A 172 -3.92 29.65 2.27
N HIS A 173 -4.49 30.85 2.35
CA HIS A 173 -5.72 31.17 1.63
C HIS A 173 -5.47 32.19 0.52
N GLU A 174 -4.23 32.23 0.02
CA GLU A 174 -3.82 33.23 -0.99
C GLU A 174 -3.81 32.64 -2.38
N ASP A 175 -4.16 33.39 -3.42
CA ASP A 175 -4.43 32.72 -4.70
C ASP A 175 -3.28 31.84 -5.16
N TYR A 176 -2.05 32.39 -5.12
CA TYR A 176 -0.80 31.69 -5.51
C TYR A 176 -0.42 30.52 -4.63
N TRP A 177 -0.96 30.46 -3.43
CA TRP A 177 -0.64 29.37 -2.52
C TRP A 177 -1.29 28.08 -2.98
N ILE A 178 -0.49 27.04 -3.14
CA ILE A 178 -1.05 25.77 -3.52
C ILE A 178 -0.65 24.76 -2.51
N ASN A 179 -1.58 24.45 -1.61
CA ASN A 179 -1.41 23.35 -0.67
C ASN A 179 -1.10 22.05 -1.39
N ILE A 180 -0.25 21.22 -0.80
CA ILE A 180 0.03 19.89 -1.36
C ILE A 180 0.21 18.98 -0.19
N ASP A 181 -0.55 17.89 -0.21
CA ASP A 181 -0.41 16.90 0.81
C ASP A 181 0.96 16.28 0.58
N ALA A 182 1.81 16.29 1.59
CA ALA A 182 3.16 15.83 1.39
C ALA A 182 3.47 14.63 2.22
N THR A 183 2.42 13.98 2.71
CA THR A 183 2.58 12.78 3.51
C THR A 183 2.43 11.54 2.67
N ARG A 184 2.59 11.69 1.36
CA ARG A 184 2.39 10.60 0.42
C ARG A 184 3.68 10.17 -0.25
N LYS A 185 3.57 9.16 -1.12
CA LYS A 185 4.67 8.69 -1.96
C LYS A 185 5.26 9.90 -2.69
N ILE A 186 6.57 9.85 -2.93
CA ILE A 186 7.28 10.92 -3.65
C ILE A 186 6.66 11.23 -5.01
N GLU A 187 6.38 10.18 -5.81
CA GLU A 187 5.84 10.37 -7.16
C GLU A 187 4.38 10.88 -7.16
N ASP A 188 3.63 10.61 -6.09
CA ASP A 188 2.30 11.23 -6.05
C ASP A 188 2.46 12.75 -5.92
N ILE A 189 3.36 13.17 -5.03
CA ILE A 189 3.61 14.60 -4.81
C ILE A 189 4.13 15.16 -6.12
N HIS A 190 5.09 14.46 -6.71
CA HIS A 190 5.61 14.94 -7.94
C HIS A 190 4.53 15.19 -9.01
N ASN A 191 3.54 14.30 -9.12
CA ASN A 191 2.58 14.42 -10.21
C ASN A 191 1.60 15.55 -10.05
N ASP A 192 1.12 15.71 -8.82
CA ASP A 192 0.28 16.85 -8.50
C ASP A 192 1.04 18.11 -8.91
N ILE A 193 2.31 18.15 -8.55
CA ILE A 193 3.12 19.31 -8.85
C ILE A 193 3.09 19.59 -10.34
N VAL A 194 3.39 18.58 -11.14
CA VAL A 194 3.41 18.76 -12.60
C VAL A 194 2.05 19.20 -13.15
N LYS A 195 1.00 18.49 -12.76
CA LYS A 195 -0.36 18.84 -13.20
C LYS A 195 -0.63 20.35 -13.00
N GLU A 196 -0.26 20.87 -11.85
CA GLU A 196 -0.45 22.29 -11.56
C GLU A 196 0.47 23.21 -12.41
N VAL A 197 1.67 22.75 -12.69
CA VAL A 197 2.60 23.60 -13.41
C VAL A 197 2.26 23.60 -14.89
N THR A 198 1.61 22.54 -15.36
CA THR A 198 1.18 22.56 -16.74
C THR A 198 0.03 23.56 -16.92
N LYS A 199 -0.87 23.63 -15.95
CA LYS A 199 -1.96 24.62 -16.01
C LYS A 199 -1.43 26.00 -16.44
N ILE A 200 -0.28 26.38 -15.91
CA ILE A 200 0.38 27.64 -16.27
C ILE A 200 0.35 28.02 -17.75
N LYS A 201 0.14 29.30 -18.00
CA LYS A 201 0.40 29.88 -19.30
C LYS A 201 1.77 30.52 -19.21
N VAL A 202 2.65 30.15 -20.14
CA VAL A 202 3.86 30.94 -20.42
C VAL A 202 3.37 32.06 -21.31
N GLU A 203 4.20 33.06 -21.54
CA GLU A 203 3.80 34.35 -22.14
C GLU A 203 4.54 35.41 -21.37
N PRO A 204 5.45 36.12 -22.05
CA PRO A 204 6.11 37.21 -21.38
C PRO A 204 5.08 38.04 -20.61
N GLU A 205 5.44 38.53 -19.43
CA GLU A 205 4.54 39.40 -18.68
C GLU A 205 5.32 40.48 -17.98
N GLU A 206 4.62 41.28 -17.19
CA GLU A 206 5.32 42.16 -16.30
C GLU A 206 5.62 41.46 -14.98
N PHE A 207 6.72 41.86 -14.38
CA PHE A 207 7.07 41.44 -13.03
C PHE A 207 6.09 41.98 -12.02
N ASN A 208 5.90 41.21 -10.95
CA ASN A 208 5.12 41.61 -9.79
C ASN A 208 6.02 41.44 -8.60
N PHE A 209 5.67 42.15 -7.53
CA PHE A 209 6.57 42.20 -6.39
C PHE A 209 5.78 41.94 -5.17
N LEU A 210 6.37 41.24 -4.22
CA LEU A 210 5.75 41.13 -2.89
C LEU A 210 5.58 42.54 -2.34
N TRP A 211 4.52 42.80 -1.56
CA TRP A 211 3.53 41.79 -1.14
C TRP A 211 2.16 41.95 -1.79
N SER A 212 2.14 42.42 -3.03
CA SER A 212 0.91 42.38 -3.82
C SER A 212 0.66 40.95 -4.25
N ASP B 5 -13.99 -3.05 27.45
CA ASP B 5 -12.70 -2.50 26.96
C ASP B 5 -12.07 -3.32 25.82
N ASP B 6 -11.78 -2.65 24.71
CA ASP B 6 -11.10 -3.26 23.56
C ASP B 6 -9.80 -2.51 23.26
N LYS B 7 -9.26 -1.81 24.25
CA LYS B 7 -8.09 -0.95 24.05
C LYS B 7 -6.78 -1.71 23.86
N LYS B 8 -5.86 -1.11 23.10
CA LYS B 8 -4.54 -1.74 22.91
C LYS B 8 -3.54 -1.15 23.86
N LYS B 9 -2.81 -2.01 24.57
CA LYS B 9 -1.98 -1.58 25.69
C LYS B 9 -0.48 -1.78 25.55
N GLY B 10 -0.05 -2.67 24.66
CA GLY B 10 1.37 -2.81 24.36
C GLY B 10 1.74 -1.97 23.15
N LYS B 11 3.02 -2.04 22.78
CA LYS B 11 3.60 -1.35 21.62
C LYS B 11 3.97 -2.46 20.64
N PHE B 12 3.75 -2.24 19.35
CA PHE B 12 3.97 -3.29 18.35
C PHE B 12 5.05 -2.81 17.39
N ILE B 13 6.23 -3.41 17.50
CA ILE B 13 7.41 -3.02 16.72
C ILE B 13 7.69 -4.01 15.60
N VAL B 14 8.00 -3.49 14.43
CA VAL B 14 8.25 -4.35 13.27
C VAL B 14 9.58 -4.01 12.60
N PHE B 15 10.44 -5.00 12.45
CA PHE B 15 11.64 -4.81 11.64
C PHE B 15 11.39 -5.27 10.21
N GLU B 16 11.97 -4.53 9.27
CA GLU B 16 11.85 -4.83 7.84
C GLU B 16 13.17 -4.68 7.12
N GLY B 17 13.22 -5.18 5.89
CA GLY B 17 14.39 -4.95 5.05
C GLY B 17 14.88 -6.16 4.29
N LEU B 18 16.05 -6.04 3.69
CA LEU B 18 16.56 -7.09 2.81
C LEU B 18 17.05 -8.32 3.57
N ASP B 19 17.05 -9.46 2.88
CA ASP B 19 17.48 -10.73 3.48
C ASP B 19 18.92 -10.53 3.86
N ARG B 20 19.22 -10.72 5.15
CA ARG B 20 20.55 -10.55 5.69
C ARG B 20 20.90 -9.09 6.03
N SER B 21 19.92 -8.30 6.47
CA SER B 21 20.18 -6.91 6.85
C SER B 21 20.21 -6.67 8.38
N GLY B 22 20.26 -7.73 9.16
CA GLY B 22 20.34 -7.57 10.61
C GLY B 22 19.01 -7.39 11.31
N LYS B 23 17.95 -7.92 10.72
CA LYS B 23 16.64 -8.01 11.39
C LYS B 23 16.71 -8.95 12.58
N SER B 24 17.23 -10.16 12.38
CA SER B 24 17.33 -11.11 13.47
C SER B 24 18.18 -10.54 14.59
N THR B 25 19.34 -10.01 14.23
CA THR B 25 20.27 -9.50 15.22
C THR B 25 19.64 -8.39 16.07
N GLN B 26 19.07 -7.39 15.41
CA GLN B 26 18.62 -6.21 16.13
C GLN B 26 17.40 -6.45 16.98
N SER B 27 16.50 -7.33 16.53
CA SER B 27 15.27 -7.59 17.27
C SER B 27 15.46 -8.55 18.44
N LYS B 28 16.31 -9.57 18.29
CA LYS B 28 16.72 -10.40 19.42
C LYS B 28 17.31 -9.46 20.47
N LEU B 29 18.21 -8.58 20.02
CA LEU B 29 18.81 -7.58 20.87
C LEU B 29 17.73 -6.74 21.52
N LEU B 30 17.00 -5.94 20.73
CA LEU B 30 15.91 -5.15 21.28
C LEU B 30 15.02 -5.93 22.24
N VAL B 31 14.70 -7.17 21.88
CA VAL B 31 13.88 -8.01 22.73
C VAL B 31 14.55 -8.19 24.09
N GLU B 32 15.79 -8.70 24.13
CA GLU B 32 16.51 -8.93 25.41
C GLU B 32 16.74 -7.60 26.16
N TYR B 33 16.68 -6.50 25.43
CA TYR B 33 16.74 -5.23 26.06
C TYR B 33 15.46 -4.99 26.84
N LEU B 34 14.32 -5.13 26.17
CA LEU B 34 13.03 -4.83 26.80
C LEU B 34 12.78 -5.67 28.05
N LYS B 35 13.22 -6.92 28.05
CA LYS B 35 13.07 -7.82 29.17
C LYS B 35 13.83 -7.31 30.38
N ASN B 36 14.92 -6.73 30.05
CA ASN B 36 15.74 -6.20 31.13
C ASN B 36 15.28 -4.86 31.68
N ASN B 37 14.28 -4.24 31.06
CA ASN B 37 13.70 -3.00 31.60
C ASN B 37 12.27 -3.20 32.06
N ASN B 38 12.01 -4.39 32.58
CA ASN B 38 10.71 -4.72 33.15
C ASN B 38 9.61 -4.39 32.14
N VAL B 39 9.80 -4.86 30.90
CA VAL B 39 8.79 -4.82 29.85
C VAL B 39 8.49 -6.24 29.36
N GLU B 40 7.21 -6.60 29.27
CA GLU B 40 6.83 -7.90 28.71
C GLU B 40 6.71 -7.76 27.19
N VAL B 41 7.26 -8.73 26.47
CA VAL B 41 7.39 -8.68 25.01
C VAL B 41 7.51 -10.08 24.44
N LYS B 42 6.75 -10.38 23.38
CA LYS B 42 6.85 -11.68 22.71
C LYS B 42 7.57 -11.49 21.41
N HIS B 43 8.49 -12.39 21.08
CA HIS B 43 9.23 -12.23 19.83
C HIS B 43 8.61 -13.03 18.68
N LEU B 44 7.98 -12.35 17.74
CA LEU B 44 7.39 -13.03 16.55
C LEU B 44 8.19 -12.85 15.28
N TYR B 45 7.96 -13.76 14.35
CA TYR B 45 8.73 -13.85 13.10
C TYR B 45 7.81 -14.31 11.94
N PHE B 46 7.79 -13.53 10.85
CA PHE B 46 7.13 -13.96 9.63
C PHE B 46 8.12 -14.24 8.53
N PRO B 47 7.85 -15.25 7.71
CA PRO B 47 6.68 -16.07 7.85
C PRO B 47 6.92 -17.11 8.92
N ASN B 48 5.84 -17.69 9.43
CA ASN B 48 5.96 -18.72 10.46
C ASN B 48 5.95 -20.12 9.82
N ARG B 49 7.14 -20.64 9.53
CA ARG B 49 7.26 -21.93 8.87
C ARG B 49 6.60 -23.12 9.59
N GLU B 50 5.99 -22.88 10.76
CA GLU B 50 5.47 -23.99 11.60
C GLU B 50 3.99 -24.32 11.44
N THR B 51 3.19 -23.46 10.81
CA THR B 51 1.76 -23.78 10.66
C THR B 51 1.40 -24.57 9.37
N GLY B 52 0.11 -24.96 9.27
CA GLY B 52 -0.41 -25.61 8.09
C GLY B 52 0.15 -24.91 6.87
N ILE B 53 -0.29 -23.66 6.68
CA ILE B 53 0.23 -22.75 5.67
C ILE B 53 1.74 -22.54 5.75
N GLY B 54 2.23 -22.35 6.98
CA GLY B 54 3.65 -22.20 7.22
C GLY B 54 4.43 -23.30 6.51
N GLN B 55 4.13 -24.51 6.70
CA GLN B 55 4.97 -25.50 6.12
C GLN B 55 5.06 -25.35 4.65
N ILE B 56 3.95 -24.99 4.09
CA ILE B 56 4.05 -24.79 2.66
C ILE B 56 4.95 -23.61 2.30
N ILE B 57 4.64 -22.43 2.83
CA ILE B 57 5.48 -21.27 2.53
C ILE B 57 6.93 -21.71 2.64
N SER B 58 7.27 -22.35 3.75
CA SER B 58 8.60 -22.93 3.95
C SER B 58 9.10 -23.80 2.77
N LYS B 59 8.28 -24.73 2.31
CA LYS B 59 8.68 -25.59 1.20
C LYS B 59 8.97 -24.77 -0.04
N TYR B 60 8.16 -23.75 -0.26
CA TYR B 60 8.29 -22.88 -1.44
C TYR B 60 9.62 -22.20 -1.41
N LEU B 61 9.91 -21.61 -0.25
CA LEU B 61 11.15 -20.90 -0.02
C LEU B 61 12.32 -21.87 -0.15
N LYS B 62 12.19 -23.03 0.46
CA LYS B 62 13.23 -24.03 0.36
C LYS B 62 13.38 -24.32 -1.12
N MET B 63 12.25 -24.34 -1.84
CA MET B 63 12.31 -24.58 -3.28
C MET B 63 12.09 -26.04 -3.66
N GLU B 64 11.40 -26.75 -2.78
CA GLU B 64 11.10 -28.16 -3.00
C GLU B 64 9.65 -28.29 -3.45
N ASN B 65 9.03 -27.17 -3.77
CA ASN B 65 7.78 -27.22 -4.50
C ASN B 65 7.81 -25.97 -5.35
N SER B 66 6.73 -25.67 -6.06
CA SER B 66 6.55 -24.34 -6.64
C SER B 66 5.10 -23.92 -6.65
N MET B 67 4.90 -22.62 -6.84
CA MET B 67 3.56 -22.09 -6.83
C MET B 67 3.43 -20.90 -7.74
N SER B 68 2.21 -20.77 -8.27
CA SER B 68 1.74 -19.58 -8.90
C SER B 68 2.10 -18.38 -8.00
N ASN B 69 2.64 -17.35 -8.62
CA ASN B 69 3.02 -16.12 -7.93
C ASN B 69 1.93 -15.63 -7.03
N GLU B 70 0.72 -15.60 -7.55
CA GLU B 70 -0.36 -15.13 -6.74
C GLU B 70 -0.73 -16.14 -5.64
N THR B 71 -0.56 -17.44 -5.87
CA THR B 71 -0.80 -18.43 -4.80
C THR B 71 0.13 -18.24 -3.58
N ILE B 72 1.41 -18.04 -3.84
CA ILE B 72 2.33 -17.84 -2.76
C ILE B 72 2.07 -16.51 -2.05
N HIS B 73 1.78 -15.49 -2.82
CA HIS B 73 1.56 -14.21 -2.19
C HIS B 73 0.47 -14.34 -1.15
N LEU B 74 -0.68 -14.87 -1.56
CA LEU B 74 -1.80 -15.02 -0.63
C LEU B 74 -1.48 -15.92 0.58
N LEU B 75 -0.68 -16.98 0.38
CA LEU B 75 -0.25 -17.80 1.49
C LEU B 75 0.41 -16.99 2.61
N PHE B 76 1.40 -16.17 2.25
CA PHE B 76 2.08 -15.28 3.21
C PHE B 76 1.10 -14.40 3.96
N SER B 77 0.05 -13.99 3.28
CA SER B 77 -0.90 -13.08 3.87
C SER B 77 -1.74 -13.84 4.91
N ALA B 78 -2.30 -14.98 4.51
CA ALA B 78 -3.02 -15.86 5.42
C ALA B 78 -2.18 -16.08 6.66
N ASN B 79 -0.93 -16.50 6.45
CA ASN B 79 0.05 -16.73 7.50
C ASN B 79 0.09 -15.60 8.53
N ARG B 80 -0.05 -14.36 8.05
CA ARG B 80 -0.20 -13.24 8.96
C ARG B 80 -1.55 -13.36 9.65
N TRP B 81 -2.64 -13.33 8.91
CA TRP B 81 -3.97 -13.43 9.51
C TRP B 81 -4.17 -14.53 10.52
N GLU B 82 -3.60 -15.70 10.27
CA GLU B 82 -3.69 -16.75 11.26
C GLU B 82 -3.08 -16.38 12.63
N HIS B 83 -2.24 -15.36 12.68
CA HIS B 83 -1.74 -14.84 13.96
C HIS B 83 -2.43 -13.60 14.53
N MET B 84 -3.39 -13.03 13.81
CA MET B 84 -3.97 -11.74 14.22
C MET B 84 -4.63 -11.93 15.55
N ASN B 85 -4.92 -13.20 15.81
CA ASN B 85 -5.48 -13.63 17.06
C ASN B 85 -4.55 -13.38 18.22
N GLU B 86 -3.48 -14.18 18.26
CA GLU B 86 -2.44 -14.11 19.26
C GLU B 86 -2.05 -12.67 19.51
N ILE B 87 -1.88 -11.91 18.43
CA ILE B 87 -1.40 -10.54 18.53
C ILE B 87 -2.41 -9.60 19.13
N LYS B 88 -3.60 -9.52 18.70
CA LYS B 88 -4.38 -8.59 19.39
C LYS B 88 -4.33 -9.00 20.86
N SER B 89 -4.44 -10.30 21.09
CA SER B 89 -4.44 -10.83 22.42
C SER B 89 -3.19 -10.47 23.21
N LEU B 90 -2.04 -10.46 22.58
CA LEU B 90 -0.86 -10.14 23.35
C LEU B 90 -0.91 -8.69 23.75
N LEU B 91 -1.48 -7.85 22.89
CA LEU B 91 -1.39 -6.41 23.10
C LEU B 91 -2.48 -5.88 24.02
N LEU B 92 -3.67 -6.49 24.02
CA LEU B 92 -4.71 -6.10 24.99
C LEU B 92 -4.20 -6.43 26.39
N LYS B 93 -3.36 -7.42 26.57
CA LYS B 93 -2.79 -7.74 27.89
C LYS B 93 -1.79 -6.73 28.24
N GLY B 94 -1.23 -6.26 27.18
CA GLY B 94 -0.30 -5.19 27.47
C GLY B 94 1.11 -5.63 27.22
N ILE B 95 1.25 -6.89 26.83
CA ILE B 95 2.52 -7.43 26.36
C ILE B 95 2.85 -6.76 25.04
N TRP B 96 4.13 -6.62 24.76
CA TRP B 96 4.60 -6.00 23.53
C TRP B 96 4.93 -7.07 22.51
N VAL B 97 4.91 -6.67 21.24
CA VAL B 97 5.21 -7.59 20.17
C VAL B 97 6.31 -7.01 19.28
N VAL B 98 7.46 -7.67 19.31
CA VAL B 98 8.52 -7.38 18.36
C VAL B 98 8.38 -8.43 17.32
N CYS B 99 8.02 -7.96 16.14
CA CYS B 99 7.79 -8.83 15.03
C CYS B 99 8.77 -8.57 13.91
N ASP B 100 9.31 -9.66 13.42
CA ASP B 100 10.34 -9.64 12.42
C ASP B 100 9.66 -9.88 11.08
N ARG B 101 9.50 -8.83 10.28
CA ARG B 101 8.76 -8.87 9.00
C ARG B 101 7.26 -8.86 9.19
N TYR B 102 6.56 -8.35 8.19
CA TYR B 102 5.13 -8.14 8.24
C TYR B 102 4.63 -7.88 6.79
N ALA B 103 3.52 -7.14 6.64
CA ALA B 103 2.91 -6.93 5.31
C ALA B 103 3.84 -6.23 4.37
N TYR B 104 4.73 -5.42 4.94
CA TYR B 104 5.63 -4.67 4.08
C TYR B 104 6.44 -5.67 3.29
N SER B 105 7.11 -6.59 3.99
CA SER B 105 7.84 -7.67 3.33
C SER B 105 6.99 -8.35 2.24
N GLY B 106 5.72 -8.60 2.56
CA GLY B 106 4.79 -9.23 1.64
C GLY B 106 4.78 -8.53 0.32
N VAL B 107 4.52 -7.22 0.36
CA VAL B 107 4.34 -6.41 -0.83
C VAL B 107 5.67 -6.10 -1.54
N ALA B 108 6.75 -6.00 -0.78
CA ALA B 108 8.07 -5.69 -1.34
C ALA B 108 8.59 -6.82 -2.19
N TYR B 109 8.32 -8.05 -1.76
CA TYR B 109 8.86 -9.22 -2.42
C TYR B 109 7.95 -9.69 -3.55
N SER B 110 6.65 -9.64 -3.32
CA SER B 110 5.74 -10.06 -4.35
C SER B 110 5.84 -9.14 -5.56
N SER B 111 5.80 -7.83 -5.31
CA SER B 111 5.90 -6.88 -6.41
C SER B 111 7.31 -6.78 -6.98
N GLY B 112 8.31 -6.88 -6.12
CA GLY B 112 9.70 -6.75 -6.54
C GLY B 112 10.29 -7.99 -7.20
N ALA B 113 10.15 -9.14 -6.57
CA ALA B 113 10.66 -10.34 -7.17
C ALA B 113 9.67 -10.86 -8.20
N LEU B 114 8.41 -10.95 -7.82
CA LEU B 114 7.45 -11.69 -8.63
C LEU B 114 6.71 -10.81 -9.59
N ASN B 115 6.99 -9.51 -9.54
CA ASN B 115 6.32 -8.55 -10.43
C ASN B 115 4.81 -8.45 -10.34
N LEU B 116 4.23 -8.69 -9.18
CA LEU B 116 2.80 -8.54 -9.04
C LEU B 116 2.45 -7.07 -8.78
N ASN B 117 1.20 -6.72 -9.06
CA ASN B 117 0.74 -5.34 -8.89
C ASN B 117 0.69 -4.99 -7.42
N LYS B 118 1.22 -3.81 -7.10
CA LYS B 118 1.36 -3.37 -5.72
C LYS B 118 0.02 -3.38 -5.01
N THR B 119 -0.97 -2.71 -5.58
CA THR B 119 -2.30 -2.68 -4.97
C THR B 119 -2.83 -4.08 -4.75
N TRP B 120 -2.78 -4.90 -5.78
CA TRP B 120 -3.26 -6.25 -5.68
C TRP B 120 -2.58 -6.90 -4.49
N CYS B 121 -1.29 -6.59 -4.32
CA CYS B 121 -0.47 -7.20 -3.28
C CYS B 121 -0.89 -6.74 -1.90
N MET B 122 -1.39 -5.51 -1.80
CA MET B 122 -1.74 -4.95 -0.49
C MET B 122 -3.13 -5.37 -0.03
N ASN B 123 -4.07 -5.48 -0.98
CA ASN B 123 -5.45 -5.71 -0.64
C ASN B 123 -5.67 -6.84 0.38
N PRO B 124 -4.97 -7.98 0.20
CA PRO B 124 -5.19 -9.06 1.15
C PRO B 124 -4.72 -8.71 2.56
N ASP B 125 -3.71 -7.85 2.65
CA ASP B 125 -3.15 -7.52 3.94
C ASP B 125 -3.85 -6.32 4.59
N GLN B 126 -4.87 -5.76 3.94
CA GLN B 126 -5.57 -4.68 4.60
C GLN B 126 -6.50 -5.28 5.64
N GLY B 127 -6.45 -4.72 6.85
CA GLY B 127 -7.25 -5.18 7.96
C GLY B 127 -6.42 -5.78 9.08
N LEU B 128 -5.16 -6.09 8.79
CA LEU B 128 -4.20 -6.53 9.81
C LEU B 128 -3.93 -5.37 10.74
N ILE B 129 -3.26 -5.63 11.86
CA ILE B 129 -2.99 -4.55 12.79
C ILE B 129 -1.81 -3.70 12.32
N LYS B 130 -2.00 -2.36 12.39
CA LYS B 130 -0.95 -1.39 12.12
C LYS B 130 0.03 -1.35 13.29
N PRO B 131 1.31 -1.59 13.01
CA PRO B 131 2.32 -1.54 14.07
C PRO B 131 2.59 -0.12 14.51
N ASP B 132 3.12 0.04 15.70
CA ASP B 132 3.42 1.39 16.18
C ASP B 132 4.66 1.92 15.47
N VAL B 133 5.49 1.01 14.97
CA VAL B 133 6.71 1.45 14.36
C VAL B 133 7.24 0.40 13.42
N VAL B 134 7.91 0.83 12.36
CA VAL B 134 8.69 -0.08 11.55
C VAL B 134 10.13 0.41 11.49
N PHE B 135 11.05 -0.40 12.00
CA PHE B 135 12.44 -0.10 11.73
C PHE B 135 12.82 -0.75 10.43
N TYR B 136 13.02 0.04 9.40
CA TYR B 136 13.54 -0.49 8.17
C TYR B 136 15.06 -0.36 8.18
N LEU B 137 15.73 -1.49 8.38
CA LEU B 137 17.18 -1.54 8.31
C LEU B 137 17.58 -1.50 6.87
N ASN B 138 18.29 -0.44 6.49
CA ASN B 138 18.62 -0.19 5.10
C ASN B 138 20.02 -0.60 4.68
N VAL B 139 20.11 -1.77 4.07
CA VAL B 139 21.32 -2.26 3.42
C VAL B 139 21.19 -2.12 1.91
N PRO B 140 22.23 -1.63 1.24
CA PRO B 140 22.20 -1.77 -0.20
C PRO B 140 22.36 -3.25 -0.58
N PRO B 141 21.76 -3.68 -1.71
CA PRO B 141 21.81 -5.09 -2.15
C PRO B 141 23.23 -5.66 -2.32
N ASN B 142 24.13 -4.93 -2.99
CA ASN B 142 25.47 -5.46 -3.19
C ASN B 142 26.15 -5.79 -1.85
N TYR B 143 25.83 -4.99 -0.82
CA TYR B 143 26.35 -5.15 0.55
C TYR B 143 25.81 -6.40 1.23
N ALA B 144 24.62 -6.83 0.82
CA ALA B 144 24.00 -8.05 1.34
C ALA B 144 24.86 -8.85 2.33
N GLU B 152 21.00 -18.67 -0.10
CA GLU B 152 20.55 -19.95 0.45
C GLU B 152 19.15 -20.28 -0.03
N GLU B 153 18.28 -19.29 -0.04
CA GLU B 153 16.88 -19.48 -0.48
C GLU B 153 16.47 -18.76 -1.77
N ILE B 154 15.16 -18.74 -2.01
CA ILE B 154 14.59 -18.51 -3.32
C ILE B 154 14.87 -17.14 -3.92
N TYR B 155 15.09 -16.13 -3.08
CA TYR B 155 15.14 -14.76 -3.58
C TYR B 155 16.51 -14.06 -3.53
N GLU B 156 17.53 -14.75 -3.03
CA GLU B 156 18.85 -14.12 -2.84
C GLU B 156 19.71 -14.12 -4.10
N LYS B 157 19.51 -13.08 -4.93
CA LYS B 157 20.23 -12.92 -6.20
C LYS B 157 20.32 -11.45 -6.68
N VAL B 158 21.27 -10.69 -6.15
CA VAL B 158 21.45 -9.28 -6.58
C VAL B 158 20.39 -8.73 -7.55
N GLU B 159 20.28 -9.29 -8.76
CA GLU B 159 19.30 -8.83 -9.74
C GLU B 159 17.97 -8.51 -9.05
N THR B 160 17.44 -9.51 -8.33
CA THR B 160 16.14 -9.44 -7.64
C THR B 160 16.16 -8.46 -6.47
N GLN B 161 17.07 -8.67 -5.51
CA GLN B 161 17.27 -7.77 -4.36
C GLN B 161 17.25 -6.28 -4.75
N LYS B 162 17.99 -5.91 -5.81
CA LYS B 162 17.86 -4.60 -6.44
C LYS B 162 16.37 -4.23 -6.56
N LYS B 163 15.61 -5.09 -7.25
CA LYS B 163 14.20 -4.83 -7.47
C LYS B 163 13.41 -4.74 -6.18
N ILE B 164 13.74 -5.62 -5.23
CA ILE B 164 13.04 -5.63 -3.93
C ILE B 164 13.33 -4.37 -3.10
N TYR B 165 14.61 -4.03 -3.07
CA TYR B 165 15.09 -2.86 -2.39
C TYR B 165 14.36 -1.65 -2.93
N GLU B 166 14.10 -1.67 -4.23
CA GLU B 166 13.46 -0.53 -4.86
C GLU B 166 11.98 -0.43 -4.51
N THR B 167 11.32 -1.58 -4.37
CA THR B 167 9.90 -1.52 -4.03
C THR B 167 9.67 -1.26 -2.55
N TYR B 168 10.68 -1.46 -1.72
CA TYR B 168 10.54 -1.08 -0.30
C TYR B 168 10.27 0.43 -0.11
N LYS B 169 10.99 1.27 -0.85
CA LYS B 169 10.70 2.71 -0.88
C LYS B 169 9.20 3.04 -1.00
N HIS B 170 8.39 2.12 -1.50
CA HIS B 170 6.95 2.34 -1.56
C HIS B 170 6.31 2.56 -0.16
N PHE B 171 7.11 2.47 0.90
CA PHE B 171 6.62 2.66 2.27
C PHE B 171 7.37 3.70 3.09
N ALA B 172 8.42 4.26 2.46
CA ALA B 172 9.24 5.29 3.08
C ALA B 172 8.47 6.51 3.60
N HIS B 173 7.29 6.79 3.04
CA HIS B 173 6.51 7.98 3.41
C HIS B 173 5.57 7.85 4.63
N GLU B 174 5.50 6.68 5.26
CA GLU B 174 4.52 6.52 6.33
C GLU B 174 5.03 7.15 7.62
N ASP B 175 4.10 7.56 8.48
CA ASP B 175 4.39 8.05 9.84
C ASP B 175 5.53 7.27 10.40
N TYR B 176 5.23 5.98 10.53
CA TYR B 176 5.92 5.04 11.39
C TYR B 176 7.07 4.35 10.70
N TRP B 177 7.32 4.72 9.46
CA TRP B 177 8.42 4.10 8.74
C TRP B 177 9.67 4.78 9.20
N ILE B 178 10.56 4.05 9.86
CA ILE B 178 11.79 4.64 10.37
C ILE B 178 13.00 4.02 9.72
N ASN B 179 13.61 4.81 8.84
CA ASN B 179 14.75 4.35 8.07
C ASN B 179 16.03 4.35 8.87
N ILE B 180 16.60 3.17 9.07
CA ILE B 180 17.87 3.08 9.74
C ILE B 180 18.95 2.69 8.74
N ASP B 181 20.02 3.46 8.66
CA ASP B 181 21.19 3.05 7.88
C ASP B 181 21.82 1.89 8.62
N ALA B 182 21.81 0.72 7.98
CA ALA B 182 22.15 -0.58 8.60
C ALA B 182 23.58 -1.00 8.39
N THR B 183 24.39 -0.11 7.83
CA THR B 183 25.81 -0.40 7.61
C THR B 183 26.62 0.01 8.82
N ARG B 184 26.02 0.82 9.70
CA ARG B 184 26.61 1.19 11.00
C ARG B 184 26.93 -0.07 11.84
N LYS B 185 27.90 0.04 12.75
CA LYS B 185 28.24 -1.05 13.71
C LYS B 185 27.01 -1.40 14.58
N ILE B 186 26.86 -2.69 14.89
CA ILE B 186 25.66 -3.19 15.59
C ILE B 186 25.22 -2.32 16.80
N GLU B 187 26.13 -2.11 17.75
CA GLU B 187 25.87 -1.27 18.91
C GLU B 187 25.24 0.09 18.55
N ASP B 188 25.62 0.64 17.39
CA ASP B 188 25.17 1.97 16.95
C ASP B 188 23.74 1.92 16.49
N ILE B 189 23.43 0.88 15.72
CA ILE B 189 22.07 0.69 15.25
C ILE B 189 21.20 0.48 16.47
N HIS B 190 21.65 -0.40 17.35
CA HIS B 190 20.88 -0.71 18.53
C HIS B 190 20.44 0.51 19.34
N ASN B 191 21.40 1.29 19.84
CA ASN B 191 21.09 2.50 20.59
C ASN B 191 20.07 3.35 19.91
N ASP B 192 20.23 3.50 18.60
CA ASP B 192 19.38 4.35 17.78
C ASP B 192 17.96 3.82 17.83
N ILE B 193 17.84 2.49 17.76
CA ILE B 193 16.55 1.82 17.80
C ILE B 193 15.99 2.10 19.16
N VAL B 194 16.79 1.77 20.17
CA VAL B 194 16.43 1.94 21.56
C VAL B 194 15.93 3.37 21.76
N LYS B 195 16.77 4.35 21.39
CA LYS B 195 16.42 5.75 21.48
C LYS B 195 14.97 5.89 21.06
N GLU B 196 14.69 5.39 19.87
CA GLU B 196 13.38 5.56 19.23
C GLU B 196 12.23 4.85 19.92
N VAL B 197 12.49 3.66 20.45
CA VAL B 197 11.44 2.93 21.14
C VAL B 197 10.86 3.77 22.27
N THR B 198 11.45 4.95 22.47
CA THR B 198 10.89 6.00 23.34
C THR B 198 10.60 7.30 22.57
N VAL B 202 3.77 5.70 26.37
CA VAL B 202 3.26 4.33 26.44
C VAL B 202 1.73 4.24 26.66
N GLU B 203 1.03 5.37 26.59
CA GLU B 203 -0.41 5.38 26.84
C GLU B 203 -1.17 4.32 26.01
N PRO B 204 -2.14 3.62 26.63
CA PRO B 204 -3.16 2.88 25.88
C PRO B 204 -3.72 3.64 24.68
N GLU B 205 -4.45 2.95 23.80
CA GLU B 205 -5.07 3.57 22.62
C GLU B 205 -5.90 2.59 21.81
N GLU B 206 -6.72 3.14 20.93
CA GLU B 206 -7.45 2.37 19.93
C GLU B 206 -6.47 1.63 19.04
N PHE B 207 -6.77 0.38 18.77
CA PHE B 207 -6.09 -0.40 17.75
C PHE B 207 -6.27 0.22 16.38
N ASN B 208 -5.23 0.16 15.54
CA ASN B 208 -5.32 0.60 14.13
C ASN B 208 -4.99 -0.47 13.09
N PHE B 209 -5.57 -0.33 11.90
CA PHE B 209 -5.37 -1.35 10.88
C PHE B 209 -4.79 -0.80 9.58
N LEU B 210 -4.02 -1.64 8.87
CA LEU B 210 -3.48 -1.31 7.54
C LEU B 210 -4.66 -1.05 6.64
N TRP B 211 -4.68 0.01 5.84
CA TRP B 211 -3.54 0.91 5.61
C TRP B 211 -3.91 2.39 5.80
N ASP C 5 0.91 -17.77 -30.29
CA ASP C 5 -0.56 -17.53 -30.11
C ASP C 5 -1.00 -17.48 -28.64
N ASP C 6 -2.01 -16.67 -28.34
CA ASP C 6 -2.44 -16.39 -26.97
C ASP C 6 -3.96 -16.27 -26.77
N LYS C 7 -4.73 -16.83 -27.69
CA LYS C 7 -6.19 -16.66 -27.67
C LYS C 7 -6.86 -17.78 -26.92
N LYS C 8 -8.04 -17.50 -26.37
CA LYS C 8 -8.80 -18.46 -25.60
C LYS C 8 -9.77 -19.16 -26.52
N LYS C 9 -9.51 -20.44 -26.80
CA LYS C 9 -10.42 -21.20 -27.68
C LYS C 9 -11.48 -22.09 -26.99
N GLY C 10 -11.53 -22.12 -25.67
CA GLY C 10 -12.50 -22.98 -24.98
C GLY C 10 -13.60 -22.27 -24.21
N LYS C 11 -14.68 -22.97 -23.91
CA LYS C 11 -15.72 -22.32 -23.10
C LYS C 11 -15.62 -22.69 -21.62
N PHE C 12 -16.03 -21.77 -20.76
CA PHE C 12 -15.78 -21.94 -19.35
C PHE C 12 -17.05 -21.67 -18.57
N ILE C 13 -17.53 -22.70 -17.90
CA ILE C 13 -18.81 -22.59 -17.25
C ILE C 13 -18.67 -23.00 -15.81
N VAL C 14 -19.23 -22.16 -14.95
CA VAL C 14 -19.23 -22.34 -13.53
C VAL C 14 -20.66 -22.57 -13.11
N PHE C 15 -20.89 -23.57 -12.27
CA PHE C 15 -22.16 -23.62 -11.54
C PHE C 15 -21.98 -22.95 -10.17
N GLU C 16 -22.89 -22.06 -9.80
CA GLU C 16 -23.00 -21.58 -8.41
C GLU C 16 -24.32 -22.05 -7.75
N GLY C 17 -24.27 -22.24 -6.45
CA GLY C 17 -25.43 -22.66 -5.68
C GLY C 17 -25.14 -22.68 -4.19
N LEU C 18 -26.22 -22.75 -3.41
CA LEU C 18 -26.16 -22.92 -1.95
C LEU C 18 -25.87 -24.38 -1.67
N ASP C 19 -25.65 -24.70 -0.40
CA ASP C 19 -25.29 -26.06 -0.07
C ASP C 19 -26.37 -27.04 -0.50
N ARG C 20 -25.91 -28.19 -1.01
CA ARG C 20 -26.78 -29.27 -1.50
C ARG C 20 -27.79 -28.88 -2.61
N SER C 21 -27.56 -27.71 -3.24
CA SER C 21 -28.41 -27.19 -4.31
C SER C 21 -28.66 -28.12 -5.51
N GLY C 22 -27.63 -28.88 -5.93
CA GLY C 22 -27.71 -29.78 -7.07
C GLY C 22 -26.59 -29.63 -8.10
N LYS C 23 -25.58 -28.81 -7.79
CA LYS C 23 -24.45 -28.54 -8.69
C LYS C 23 -23.64 -29.77 -9.10
N SER C 24 -23.39 -30.70 -8.19
CA SER C 24 -22.61 -31.90 -8.55
C SER C 24 -23.42 -32.70 -9.55
N THR C 25 -24.71 -32.79 -9.30
CA THR C 25 -25.63 -33.46 -10.19
C THR C 25 -25.62 -32.80 -11.59
N GLN C 26 -25.77 -31.48 -11.62
CA GLN C 26 -25.96 -30.73 -12.88
C GLN C 26 -24.69 -30.57 -13.71
N SER C 27 -23.56 -30.50 -13.02
CA SER C 27 -22.26 -30.55 -13.65
C SER C 27 -22.02 -31.94 -14.23
N LYS C 28 -22.37 -32.99 -13.49
CA LYS C 28 -22.12 -34.33 -13.98
C LYS C 28 -22.86 -34.52 -15.30
N LEU C 29 -24.05 -33.94 -15.37
CA LEU C 29 -24.89 -34.03 -16.59
C LEU C 29 -24.45 -33.13 -17.75
N LEU C 30 -24.03 -31.89 -17.45
CA LEU C 30 -23.56 -31.01 -18.50
C LEU C 30 -22.25 -31.51 -19.07
N VAL C 31 -21.34 -31.98 -18.30
CA VAL C 31 -20.20 -32.55 -18.88
C VAL C 31 -20.57 -33.86 -19.67
N GLU C 32 -21.39 -34.84 -19.12
CA GLU C 32 -21.82 -36.00 -19.91
C GLU C 32 -22.36 -35.56 -21.28
N TYR C 33 -23.09 -34.45 -21.29
CA TYR C 33 -23.73 -33.97 -22.50
C TYR C 33 -22.78 -33.65 -23.64
N LEU C 34 -21.69 -32.95 -23.35
CA LEU C 34 -20.78 -32.48 -24.41
C LEU C 34 -19.68 -33.48 -24.78
N LYS C 35 -19.38 -34.38 -23.87
CA LYS C 35 -18.61 -35.55 -24.23
C LYS C 35 -19.49 -36.29 -25.29
N ASN C 36 -20.82 -36.21 -25.15
CA ASN C 36 -21.77 -36.74 -26.16
C ASN C 36 -21.94 -35.90 -27.42
N ASN C 37 -21.45 -34.66 -27.43
CA ASN C 37 -21.55 -33.82 -28.63
C ASN C 37 -20.20 -33.44 -29.19
N ASN C 38 -19.19 -34.12 -28.68
CA ASN C 38 -17.80 -33.91 -29.09
C ASN C 38 -17.14 -32.58 -28.67
N VAL C 39 -17.74 -31.88 -27.70
CA VAL C 39 -17.02 -30.88 -26.93
C VAL C 39 -16.01 -31.63 -26.05
N GLU C 40 -14.73 -31.23 -26.11
CA GLU C 40 -13.75 -31.78 -25.19
C GLU C 40 -13.77 -30.93 -23.90
N VAL C 41 -13.78 -31.59 -22.74
CA VAL C 41 -14.11 -30.91 -21.48
C VAL C 41 -13.47 -31.51 -20.22
N LYS C 42 -12.91 -30.65 -19.36
CA LYS C 42 -12.48 -31.11 -18.07
C LYS C 42 -13.53 -30.66 -17.09
N HIS C 43 -13.84 -31.54 -16.14
CA HIS C 43 -14.73 -31.23 -15.04
C HIS C 43 -13.91 -30.79 -13.86
N LEU C 44 -14.06 -29.55 -13.40
CA LEU C 44 -13.34 -29.11 -12.21
C LEU C 44 -14.26 -28.77 -11.07
N TYR C 45 -13.68 -28.48 -9.93
CA TYR C 45 -14.47 -28.12 -8.76
C TYR C 45 -13.61 -27.33 -7.79
N PHE C 46 -14.30 -26.57 -6.96
CA PHE C 46 -13.70 -25.75 -5.96
C PHE C 46 -14.56 -25.81 -4.74
N PRO C 47 -13.94 -26.06 -3.57
CA PRO C 47 -12.48 -26.21 -3.41
C PRO C 47 -11.92 -27.56 -3.84
N ASN C 48 -10.67 -27.55 -4.30
CA ASN C 48 -9.98 -28.79 -4.62
C ASN C 48 -9.19 -29.27 -3.41
N ARG C 49 -9.80 -30.22 -2.70
CA ARG C 49 -9.32 -30.74 -1.42
C ARG C 49 -8.07 -31.60 -1.49
N GLU C 50 -7.57 -31.82 -2.70
CA GLU C 50 -6.46 -32.74 -2.90
C GLU C 50 -5.11 -32.08 -2.80
N THR C 51 -5.06 -30.86 -2.27
CA THR C 51 -3.81 -30.07 -2.28
C THR C 51 -3.43 -29.64 -0.88
N GLY C 52 -2.14 -29.61 -0.60
CA GLY C 52 -1.68 -28.79 0.49
C GLY C 52 -2.33 -27.49 0.12
N ILE C 53 -3.24 -27.07 1.00
CA ILE C 53 -4.08 -25.86 0.85
C ILE C 53 -5.53 -26.33 0.87
N GLY C 54 -5.87 -27.16 -0.11
CA GLY C 54 -7.15 -27.87 -0.08
C GLY C 54 -7.31 -28.63 1.22
N GLN C 55 -6.49 -29.66 1.43
CA GLN C 55 -6.41 -30.40 2.69
C GLN C 55 -6.77 -29.52 3.88
N ILE C 56 -6.18 -28.34 3.92
CA ILE C 56 -6.38 -27.40 4.99
C ILE C 56 -7.82 -26.87 4.94
N ILE C 57 -8.22 -26.34 3.80
CA ILE C 57 -9.62 -25.95 3.60
C ILE C 57 -10.57 -27.10 3.96
N SER C 58 -10.18 -28.33 3.60
CA SER C 58 -11.02 -29.50 3.79
C SER C 58 -11.37 -29.68 5.28
N LYS C 59 -10.30 -29.81 6.06
CA LYS C 59 -10.36 -29.86 7.51
C LYS C 59 -11.14 -28.70 8.10
N TYR C 60 -10.86 -27.48 7.65
CA TYR C 60 -11.68 -26.37 8.08
C TYR C 60 -13.19 -26.71 7.98
N LEU C 61 -13.63 -27.17 6.81
CA LEU C 61 -15.06 -27.30 6.50
C LEU C 61 -15.80 -28.35 7.34
N LYS C 62 -15.08 -29.45 7.59
CA LYS C 62 -15.54 -30.56 8.41
C LYS C 62 -15.41 -30.27 9.92
N MET C 63 -14.84 -29.13 10.27
CA MET C 63 -14.67 -28.73 11.67
C MET C 63 -13.66 -29.57 12.41
N GLU C 64 -12.70 -30.14 11.67
CA GLU C 64 -11.55 -30.84 12.25
C GLU C 64 -10.41 -29.87 12.63
N ASN C 65 -10.43 -28.68 12.03
CA ASN C 65 -9.71 -27.52 12.55
C ASN C 65 -10.59 -26.28 12.44
N SER C 66 -10.19 -25.21 13.12
CA SER C 66 -10.82 -23.91 12.91
C SER C 66 -9.74 -22.86 12.70
N MET C 67 -10.13 -21.72 12.13
CA MET C 67 -9.18 -20.67 11.84
C MET C 67 -9.89 -19.37 11.54
N SER C 68 -9.15 -18.29 11.71
CA SER C 68 -9.60 -16.91 11.45
C SER C 68 -10.50 -16.84 10.22
N ASN C 69 -11.57 -16.05 10.29
CA ASN C 69 -12.33 -15.74 9.08
C ASN C 69 -11.38 -15.48 7.93
N GLU C 70 -10.54 -14.47 8.10
CA GLU C 70 -9.68 -14.01 7.03
C GLU C 70 -8.67 -15.03 6.52
N THR C 71 -8.19 -15.92 7.37
CA THR C 71 -7.23 -16.94 6.93
C THR C 71 -7.87 -17.85 5.86
N ILE C 72 -8.98 -18.48 6.23
CA ILE C 72 -9.69 -19.39 5.34
C ILE C 72 -10.01 -18.72 3.99
N HIS C 73 -10.52 -17.49 4.04
CA HIS C 73 -10.89 -16.83 2.81
C HIS C 73 -9.71 -16.64 1.86
N LEU C 74 -8.54 -16.32 2.40
CA LEU C 74 -7.37 -16.17 1.57
C LEU C 74 -7.02 -17.54 0.97
N LEU C 75 -7.39 -18.60 1.68
CA LEU C 75 -7.00 -19.96 1.32
C LEU C 75 -7.83 -20.44 0.18
N PHE C 76 -9.15 -20.29 0.33
CA PHE C 76 -10.06 -20.60 -0.75
C PHE C 76 -9.60 -19.94 -2.03
N SER C 77 -9.34 -18.64 -1.96
CA SER C 77 -8.90 -17.90 -3.11
C SER C 77 -7.58 -18.42 -3.59
N ALA C 78 -6.64 -18.58 -2.67
CA ALA C 78 -5.31 -19.01 -3.06
C ALA C 78 -5.44 -20.29 -3.84
N ASN C 79 -6.43 -21.08 -3.45
CA ASN C 79 -6.65 -22.39 -4.00
C ASN C 79 -7.00 -22.31 -5.46
N ARG C 80 -7.86 -21.36 -5.79
CA ARG C 80 -8.17 -21.09 -7.19
C ARG C 80 -6.93 -20.69 -7.97
N TRP C 81 -6.16 -19.75 -7.44
CA TRP C 81 -4.95 -19.32 -8.09
C TRP C 81 -3.98 -20.43 -8.43
N GLU C 82 -4.00 -21.51 -7.66
CA GLU C 82 -3.12 -22.63 -7.99
C GLU C 82 -3.62 -23.47 -9.16
N HIS C 83 -4.87 -23.27 -9.55
CA HIS C 83 -5.37 -23.89 -10.77
C HIS C 83 -5.35 -22.99 -12.02
N MET C 84 -5.35 -21.67 -11.85
CA MET C 84 -5.33 -20.72 -13.00
C MET C 84 -4.40 -21.13 -14.12
N ASN C 85 -3.34 -21.84 -13.78
CA ASN C 85 -2.45 -22.32 -14.78
C ASN C 85 -2.95 -23.54 -15.56
N GLU C 86 -3.59 -24.49 -14.89
CA GLU C 86 -4.27 -25.59 -15.58
C GLU C 86 -5.26 -24.98 -16.56
N ILE C 87 -6.27 -24.29 -16.02
CA ILE C 87 -7.34 -23.72 -16.81
C ILE C 87 -6.85 -22.96 -18.05
N LYS C 88 -5.84 -22.12 -17.89
CA LYS C 88 -5.39 -21.35 -19.01
C LYS C 88 -5.06 -22.29 -20.17
N SER C 89 -4.36 -23.39 -19.88
CA SER C 89 -3.94 -24.37 -20.91
C SER C 89 -5.09 -25.11 -21.54
N LEU C 90 -6.03 -25.56 -20.72
CA LEU C 90 -7.18 -26.25 -21.23
C LEU C 90 -7.90 -25.30 -22.16
N LEU C 91 -8.35 -24.18 -21.63
CA LEU C 91 -9.01 -23.20 -22.47
C LEU C 91 -8.12 -22.78 -23.64
N LEU C 92 -6.81 -22.70 -23.45
CA LEU C 92 -5.92 -22.39 -24.56
C LEU C 92 -5.93 -23.49 -25.64
N LYS C 93 -5.78 -24.75 -25.24
CA LYS C 93 -5.74 -25.85 -26.18
C LYS C 93 -7.09 -25.95 -26.89
N GLY C 94 -8.12 -25.38 -26.30
CA GLY C 94 -9.47 -25.47 -26.83
C GLY C 94 -10.32 -26.46 -26.04
N ILE C 95 -9.86 -26.85 -24.86
CA ILE C 95 -10.66 -27.76 -24.05
C ILE C 95 -11.63 -26.94 -23.21
N TRP C 96 -12.80 -27.49 -22.91
CA TRP C 96 -13.74 -26.76 -22.08
C TRP C 96 -13.62 -27.10 -20.58
N VAL C 97 -14.10 -26.16 -19.76
CA VAL C 97 -13.98 -26.25 -18.32
C VAL C 97 -15.35 -26.09 -17.68
N VAL C 98 -15.80 -27.14 -17.02
CA VAL C 98 -17.03 -27.03 -16.27
C VAL C 98 -16.62 -27.15 -14.83
N CYS C 99 -17.10 -26.23 -14.01
CA CYS C 99 -16.55 -26.00 -12.70
C CYS C 99 -17.64 -25.87 -11.63
N ASP C 100 -17.46 -26.61 -10.54
CA ASP C 100 -18.25 -26.46 -9.32
C ASP C 100 -17.68 -25.32 -8.48
N ARG C 101 -18.46 -24.25 -8.36
CA ARG C 101 -18.12 -23.06 -7.57
C ARG C 101 -16.88 -22.33 -8.09
N TYR C 102 -16.78 -21.05 -7.82
CA TYR C 102 -15.61 -20.29 -8.22
C TYR C 102 -15.50 -19.14 -7.23
N ALA C 103 -15.07 -17.97 -7.68
CA ALA C 103 -14.92 -16.81 -6.79
C ALA C 103 -16.24 -16.40 -6.17
N TYR C 104 -17.30 -16.42 -6.96
CA TYR C 104 -18.65 -16.11 -6.47
C TYR C 104 -18.93 -16.85 -5.20
N SER C 105 -18.65 -18.15 -5.17
CA SER C 105 -18.77 -18.87 -3.92
C SER C 105 -18.00 -18.18 -2.78
N GLY C 106 -16.70 -17.94 -2.99
CA GLY C 106 -15.92 -17.14 -2.05
C GLY C 106 -16.63 -15.85 -1.67
N VAL C 107 -16.88 -14.94 -2.58
CA VAL C 107 -17.48 -13.72 -2.14
C VAL C 107 -18.87 -13.95 -1.45
N ALA C 108 -19.79 -14.85 -1.92
CA ALA C 108 -21.07 -15.02 -1.22
C ALA C 108 -20.94 -15.68 0.15
N TYR C 109 -20.14 -16.73 0.24
CA TYR C 109 -20.01 -17.39 1.51
C TYR C 109 -19.33 -16.52 2.57
N SER C 110 -18.12 -16.05 2.29
CA SER C 110 -17.39 -15.22 3.23
C SER C 110 -18.21 -14.03 3.71
N SER C 111 -18.67 -13.22 2.77
CA SER C 111 -19.41 -12.02 3.12
C SER C 111 -20.75 -12.31 3.81
N GLY C 112 -21.45 -13.33 3.33
CA GLY C 112 -22.66 -13.81 3.97
C GLY C 112 -22.40 -14.39 5.36
N ALA C 113 -21.85 -15.60 5.39
CA ALA C 113 -21.57 -16.36 6.62
C ALA C 113 -20.57 -15.72 7.56
N LEU C 114 -19.41 -15.30 7.06
CA LEU C 114 -18.42 -14.77 7.96
C LEU C 114 -18.54 -13.25 8.15
N ASN C 115 -19.54 -12.65 7.53
CA ASN C 115 -19.74 -11.19 7.54
C ASN C 115 -18.48 -10.33 7.33
N LEU C 116 -17.71 -10.68 6.32
CA LEU C 116 -16.57 -9.89 5.90
C LEU C 116 -17.03 -8.93 4.80
N ASN C 117 -16.35 -7.80 4.66
CA ASN C 117 -16.74 -6.82 3.66
C ASN C 117 -16.67 -7.40 2.25
N LYS C 118 -17.66 -7.06 1.42
CA LYS C 118 -17.72 -7.56 0.04
C LYS C 118 -16.45 -7.24 -0.76
N THR C 119 -16.08 -5.96 -0.82
CA THR C 119 -14.91 -5.54 -1.59
C THR C 119 -13.72 -6.38 -1.19
N TRP C 120 -13.40 -6.34 0.10
CA TRP C 120 -12.25 -7.03 0.63
C TRP C 120 -12.16 -8.45 0.10
N CYS C 121 -13.32 -9.08 -0.07
CA CYS C 121 -13.42 -10.50 -0.41
C CYS C 121 -13.12 -10.80 -1.85
N MET C 122 -13.64 -9.94 -2.71
CA MET C 122 -13.39 -10.00 -4.14
C MET C 122 -11.92 -9.80 -4.45
N ASN C 123 -11.29 -8.91 -3.71
CA ASN C 123 -9.97 -8.45 -4.04
C ASN C 123 -8.98 -9.54 -4.40
N PRO C 124 -8.84 -10.57 -3.53
CA PRO C 124 -7.82 -11.58 -3.79
C PRO C 124 -8.15 -12.42 -5.01
N ASP C 125 -9.42 -12.45 -5.38
CA ASP C 125 -9.83 -13.18 -6.53
C ASP C 125 -9.69 -12.35 -7.79
N GLN C 126 -9.68 -11.04 -7.61
CA GLN C 126 -9.50 -10.15 -8.74
C GLN C 126 -8.29 -10.62 -9.50
N GLY C 127 -8.49 -10.95 -10.76
CA GLY C 127 -7.38 -11.33 -11.64
C GLY C 127 -7.50 -12.70 -12.27
N LEU C 128 -8.34 -13.55 -11.69
CA LEU C 128 -8.60 -14.89 -12.19
C LEU C 128 -9.36 -14.80 -13.48
N ILE C 129 -9.31 -15.87 -14.25
CA ILE C 129 -10.04 -15.96 -15.48
C ILE C 129 -11.53 -15.87 -15.22
N LYS C 130 -12.18 -14.97 -15.96
CA LYS C 130 -13.63 -14.86 -15.97
C LYS C 130 -14.23 -16.02 -16.75
N PRO C 131 -15.31 -16.62 -16.21
CA PRO C 131 -15.98 -17.61 -17.03
C PRO C 131 -16.81 -16.96 -18.14
N ASP C 132 -17.42 -17.79 -18.97
CA ASP C 132 -18.27 -17.31 -20.02
C ASP C 132 -19.64 -17.23 -19.45
N VAL C 133 -19.97 -18.16 -18.57
CA VAL C 133 -21.30 -18.16 -17.98
C VAL C 133 -21.41 -18.89 -16.65
N VAL C 134 -22.30 -18.41 -15.79
CA VAL C 134 -22.54 -18.98 -14.47
C VAL C 134 -23.99 -19.48 -14.36
N PHE C 135 -24.17 -20.75 -14.03
CA PHE C 135 -25.50 -21.23 -13.72
C PHE C 135 -25.73 -21.27 -12.23
N TYR C 136 -26.51 -20.31 -11.75
CA TYR C 136 -26.87 -20.22 -10.34
C TYR C 136 -28.10 -21.06 -10.06
N LEU C 137 -27.86 -22.22 -9.46
CA LEU C 137 -28.92 -23.15 -9.15
C LEU C 137 -29.68 -22.61 -7.95
N ASN C 138 -30.57 -21.68 -8.26
CA ASN C 138 -31.38 -20.99 -7.30
C ASN C 138 -32.42 -21.88 -6.64
N VAL C 139 -32.20 -22.20 -5.36
CA VAL C 139 -33.27 -22.75 -4.51
C VAL C 139 -33.52 -21.79 -3.34
N PRO C 140 -34.73 -21.84 -2.74
CA PRO C 140 -34.89 -21.05 -1.50
C PRO C 140 -33.94 -21.57 -0.41
N PRO C 141 -33.47 -20.66 0.49
CA PRO C 141 -32.51 -21.00 1.56
C PRO C 141 -32.83 -22.32 2.30
N ASN C 142 -34.10 -22.59 2.54
CA ASN C 142 -34.52 -23.75 3.33
C ASN C 142 -34.99 -24.99 2.56
N TYR C 143 -35.04 -24.92 1.22
CA TYR C 143 -35.45 -26.09 0.39
C TYR C 143 -34.46 -27.22 0.54
N ALA C 144 -33.20 -26.84 0.56
CA ALA C 144 -32.08 -27.74 0.61
C ALA C 144 -32.22 -28.78 1.70
N GLN C 145 -32.63 -28.34 2.90
CA GLN C 145 -32.31 -29.01 4.18
C GLN C 145 -32.62 -30.48 4.42
N ASN C 146 -33.17 -31.16 3.44
CA ASN C 146 -33.68 -32.50 3.65
C ASN C 146 -32.86 -33.59 2.97
N ARG C 147 -31.79 -33.21 2.29
CA ARG C 147 -30.93 -34.16 1.56
C ARG C 147 -29.94 -34.89 2.48
N ASP C 149 -27.22 -35.83 4.05
CA ASP C 149 -25.89 -35.39 4.45
C ASP C 149 -25.88 -33.92 4.83
N TYR C 150 -26.98 -33.24 4.56
CA TYR C 150 -27.11 -31.80 4.87
C TYR C 150 -26.90 -31.56 6.34
N GLY C 151 -25.88 -30.77 6.66
CA GLY C 151 -25.50 -30.53 8.04
C GLY C 151 -24.23 -31.27 8.41
N GLU C 152 -23.51 -31.83 7.49
CA GLU C 152 -22.27 -32.46 7.93
C GLU C 152 -21.18 -31.43 7.99
N GLU C 153 -21.44 -30.51 7.17
CA GLU C 153 -20.37 -29.51 7.03
C GLU C 153 -20.72 -28.11 7.52
N ILE C 154 -19.71 -27.32 7.84
CA ILE C 154 -19.84 -26.13 8.69
C ILE C 154 -20.89 -25.08 8.39
N TYR C 155 -21.22 -24.84 7.13
CA TYR C 155 -22.16 -23.76 6.81
C TYR C 155 -23.59 -24.22 6.59
N GLU C 156 -23.79 -25.54 6.65
CA GLU C 156 -25.10 -26.14 6.45
C GLU C 156 -25.96 -25.98 7.71
N LYS C 157 -26.24 -24.71 8.02
CA LYS C 157 -27.13 -24.30 9.10
C LYS C 157 -28.06 -23.29 8.44
N VAL C 158 -29.36 -23.50 8.59
CA VAL C 158 -30.35 -22.66 7.89
C VAL C 158 -30.03 -21.17 8.05
N GLU C 159 -29.96 -20.70 9.30
CA GLU C 159 -29.59 -19.31 9.59
C GLU C 159 -28.52 -18.86 8.58
N THR C 160 -27.40 -19.60 8.52
CA THR C 160 -26.22 -19.26 7.71
C THR C 160 -26.62 -19.16 6.24
N GLN C 161 -27.17 -20.27 5.77
CA GLN C 161 -27.66 -20.40 4.41
C GLN C 161 -28.41 -19.17 3.91
N LYS C 162 -29.37 -18.70 4.69
CA LYS C 162 -30.12 -17.49 4.39
C LYS C 162 -29.20 -16.28 4.16
N LYS C 163 -28.25 -16.08 5.06
CA LYS C 163 -27.33 -14.96 4.93
C LYS C 163 -26.63 -14.95 3.55
N ILE C 164 -26.40 -16.15 3.01
CA ILE C 164 -25.74 -16.35 1.71
C ILE C 164 -26.71 -16.18 0.54
N TYR C 165 -27.90 -16.75 0.64
CA TYR C 165 -28.83 -16.66 -0.47
C TYR C 165 -29.00 -15.18 -0.68
N GLU C 166 -28.79 -14.43 0.39
CA GLU C 166 -28.94 -12.98 0.37
C GLU C 166 -27.78 -12.30 -0.30
N THR C 167 -26.59 -12.85 -0.09
CA THR C 167 -25.37 -12.27 -0.64
C THR C 167 -25.19 -12.58 -2.14
N TYR C 168 -25.48 -13.81 -2.56
CA TYR C 168 -25.40 -14.21 -3.97
C TYR C 168 -26.09 -13.22 -4.91
N LYS C 169 -27.11 -12.54 -4.39
CA LYS C 169 -27.76 -11.48 -5.14
C LYS C 169 -26.81 -10.37 -5.59
N HIS C 170 -25.67 -10.17 -4.94
CA HIS C 170 -24.83 -9.06 -5.36
C HIS C 170 -24.48 -9.22 -6.84
N PHE C 171 -24.60 -10.45 -7.32
CA PHE C 171 -24.23 -10.85 -8.68
C PHE C 171 -25.43 -10.97 -9.65
N ALA C 172 -26.59 -11.37 -9.13
CA ALA C 172 -27.82 -11.62 -9.93
C ALA C 172 -28.11 -10.67 -11.10
N HIS C 173 -27.44 -9.54 -11.01
CA HIS C 173 -27.31 -8.54 -12.02
C HIS C 173 -26.15 -9.16 -12.77
N GLU C 174 -25.66 -8.45 -13.76
CA GLU C 174 -24.57 -8.95 -14.67
C GLU C 174 -24.90 -9.95 -15.80
N ASP C 175 -24.50 -9.57 -17.01
CA ASP C 175 -24.62 -10.37 -18.23
C ASP C 175 -24.49 -11.91 -18.03
N TYR C 176 -23.33 -12.33 -17.54
CA TYR C 176 -22.92 -13.74 -17.46
C TYR C 176 -23.64 -14.60 -16.41
N TRP C 177 -24.61 -14.02 -15.71
CA TRP C 177 -25.26 -14.69 -14.58
C TRP C 177 -26.64 -15.28 -14.93
N ILE C 178 -26.71 -16.58 -15.17
CA ILE C 178 -27.98 -17.20 -15.58
C ILE C 178 -28.68 -17.89 -14.41
N ASN C 179 -29.64 -17.18 -13.83
CA ASN C 179 -30.40 -17.72 -12.70
C ASN C 179 -31.24 -18.91 -13.15
N ILE C 180 -31.18 -20.01 -12.41
CA ILE C 180 -31.96 -21.21 -12.78
C ILE C 180 -32.74 -21.79 -11.60
N ASP C 181 -34.03 -22.01 -11.85
CA ASP C 181 -34.98 -22.43 -10.83
C ASP C 181 -34.83 -23.92 -10.55
N ALA C 182 -33.84 -24.23 -9.71
CA ALA C 182 -33.46 -25.61 -9.41
C ALA C 182 -34.39 -26.35 -8.45
N THR C 183 -35.59 -25.79 -8.23
CA THR C 183 -36.60 -26.46 -7.40
C THR C 183 -37.17 -27.68 -8.10
N ARG C 184 -37.31 -27.57 -9.43
CA ARG C 184 -37.88 -28.62 -10.28
C ARG C 184 -37.08 -29.92 -10.28
N LYS C 185 -37.51 -30.82 -11.17
CA LYS C 185 -36.94 -32.15 -11.36
C LYS C 185 -35.57 -32.08 -12.01
N ILE C 186 -34.76 -33.11 -11.81
CA ILE C 186 -33.39 -33.11 -12.35
C ILE C 186 -33.42 -33.00 -13.88
N GLU C 187 -34.20 -33.89 -14.51
CA GLU C 187 -34.43 -33.89 -15.96
C GLU C 187 -34.82 -32.50 -16.46
N ASP C 188 -35.81 -31.89 -15.81
CA ASP C 188 -36.25 -30.54 -16.12
C ASP C 188 -35.07 -29.60 -16.19
N ILE C 189 -34.46 -29.37 -15.01
CA ILE C 189 -33.35 -28.43 -14.85
C ILE C 189 -32.27 -28.68 -15.89
N HIS C 190 -31.77 -29.91 -15.96
CA HIS C 190 -30.76 -30.24 -16.94
C HIS C 190 -31.10 -29.53 -18.27
N ASN C 191 -32.34 -29.69 -18.70
CA ASN C 191 -32.79 -29.20 -20.00
C ASN C 191 -32.64 -27.70 -20.17
N ASP C 192 -33.14 -26.93 -19.21
CA ASP C 192 -33.10 -25.48 -19.31
C ASP C 192 -31.66 -24.97 -19.42
N ILE C 193 -30.72 -25.77 -18.89
CA ILE C 193 -29.28 -25.51 -19.03
C ILE C 193 -28.82 -25.79 -20.46
N VAL C 194 -28.93 -27.04 -20.89
CA VAL C 194 -28.50 -27.41 -22.24
C VAL C 194 -28.95 -26.37 -23.27
N LYS C 195 -30.25 -26.07 -23.23
CA LYS C 195 -30.88 -25.09 -24.12
C LYS C 195 -30.09 -23.79 -24.12
N GLU C 196 -29.77 -23.32 -22.93
CA GLU C 196 -28.97 -22.13 -22.75
C GLU C 196 -27.49 -22.31 -23.14
N VAL C 197 -27.02 -23.55 -23.21
CA VAL C 197 -25.62 -23.78 -23.54
C VAL C 197 -25.32 -23.41 -24.99
N THR C 198 -26.22 -23.80 -25.88
CA THR C 198 -26.10 -23.44 -27.31
C THR C 198 -26.02 -21.93 -27.55
N LYS C 201 -21.38 -19.99 -29.52
CA LYS C 201 -20.50 -19.95 -30.68
C LYS C 201 -19.02 -20.05 -30.27
N VAL C 202 -18.33 -21.08 -30.76
CA VAL C 202 -16.99 -21.37 -30.30
C VAL C 202 -15.87 -20.56 -30.97
N GLU C 203 -16.14 -19.30 -31.30
CA GLU C 203 -15.08 -18.45 -31.89
C GLU C 203 -14.01 -18.07 -30.85
N PRO C 204 -12.72 -18.31 -31.17
CA PRO C 204 -11.59 -17.86 -30.36
C PRO C 204 -11.69 -16.39 -29.93
N GLU C 205 -11.55 -16.10 -28.64
CA GLU C 205 -11.69 -14.73 -28.15
C GLU C 205 -10.55 -14.30 -27.25
N GLU C 206 -10.51 -13.01 -26.95
CA GLU C 206 -9.62 -12.50 -25.91
C GLU C 206 -9.98 -13.07 -24.54
N PHE C 207 -8.95 -13.34 -23.74
CA PHE C 207 -9.14 -13.78 -22.37
C PHE C 207 -9.72 -12.68 -21.51
N ASN C 208 -10.70 -13.01 -20.68
CA ASN C 208 -11.20 -12.04 -19.71
C ASN C 208 -10.89 -12.38 -18.25
N PHE C 209 -10.81 -11.37 -17.41
CA PHE C 209 -10.45 -11.58 -16.02
C PHE C 209 -11.39 -10.95 -15.03
N LEU C 210 -11.55 -11.57 -13.87
CA LEU C 210 -12.30 -10.92 -12.82
C LEU C 210 -11.50 -9.69 -12.41
N TRP C 211 -12.18 -8.60 -12.09
CA TRP C 211 -13.62 -8.57 -11.97
C TRP C 211 -14.35 -7.74 -13.05
N SER C 212 -13.81 -7.70 -14.27
CA SER C 212 -14.51 -7.03 -15.36
C SER C 212 -15.85 -7.70 -15.71
#